data_3F8X
#
_entry.id   3F8X
#
_cell.length_a   50.780
_cell.length_b   51.600
_cell.length_c   66.310
_cell.angle_alpha   79.41
_cell.angle_beta   79.74
_cell.angle_gamma   61.89
#
_symmetry.space_group_name_H-M   'P 1'
#
loop_
_entity.id
_entity.type
_entity.pdbx_description
1 polymer 'putative delta-5-3-ketosteroid isomerase'
2 water water
#
_entity_poly.entity_id   1
_entity_poly.type   'polypeptide(L)'
_entity_poly.pdbx_seq_one_letter_code
;G(MSE)SKVEQNAQHNIQQTSPNAAVQSGLQEWHRIIAEADWERLPDLLAEDVVFSNPSTFDPYHGKGPL(MSE)VILPA
VFSVLENFQYARHFSSKSGYVLEFNAN(MSE)GDELLTGVDLIEFNDAGKITDLVV(MSE)(MSE)RPASVVIDLSVEVG
KRIAAAQS
;
_entity_poly.pdbx_strand_id   A,B,C,D
#
# COMPACT_ATOMS: atom_id res chain seq x y z
N SER A 17 10.09 19.41 9.02
CA SER A 17 10.33 20.20 7.76
C SER A 17 11.17 19.40 6.76
N PRO A 18 10.67 19.25 5.51
CA PRO A 18 11.42 18.43 4.57
C PRO A 18 12.81 18.97 4.24
N ASN A 19 13.69 18.05 3.85
CA ASN A 19 15.05 18.40 3.47
C ASN A 19 15.16 19.12 2.13
N ALA A 20 16.39 19.48 1.77
CA ALA A 20 16.66 20.23 0.57
C ALA A 20 16.24 19.52 -0.72
N ALA A 21 16.50 18.22 -0.82
CA ALA A 21 16.12 17.48 -2.02
C ALA A 21 14.60 17.44 -2.17
N VAL A 22 13.87 17.28 -1.07
CA VAL A 22 12.41 17.23 -1.11
C VAL A 22 11.85 18.61 -1.49
N GLN A 23 12.38 19.67 -0.89
CA GLN A 23 11.95 21.00 -1.23
C GLN A 23 12.13 21.27 -2.73
N SER A 24 13.26 20.82 -3.26
N SER A 24 13.27 20.81 -3.26
CA SER A 24 13.54 20.94 -4.69
CA SER A 24 13.56 20.92 -4.68
C SER A 24 12.56 20.11 -5.55
C SER A 24 12.56 20.12 -5.54
N GLY A 25 12.19 18.96 -5.04
CA GLY A 25 11.22 18.12 -5.73
C GLY A 25 9.86 18.82 -5.78
N LEU A 26 9.48 19.47 -4.68
CA LEU A 26 8.20 20.21 -4.63
C LEU A 26 8.22 21.35 -5.65
N GLN A 27 9.36 22.03 -5.76
CA GLN A 27 9.48 23.12 -6.72
C GLN A 27 9.25 22.58 -8.13
N GLU A 28 9.84 21.42 -8.44
CA GLU A 28 9.70 20.86 -9.78
C GLU A 28 8.27 20.40 -10.03
N TRP A 29 7.63 19.80 -9.02
CA TRP A 29 6.20 19.44 -9.14
C TRP A 29 5.38 20.68 -9.51
N HIS A 30 5.55 21.73 -8.73
CA HIS A 30 4.83 22.96 -9.03
C HIS A 30 5.07 23.46 -10.45
N ARG A 31 6.31 23.38 -10.93
CA ARG A 31 6.62 23.86 -12.26
C ARG A 31 5.92 23.02 -13.29
N ILE A 32 6.00 21.71 -13.12
CA ILE A 32 5.39 20.80 -14.08
C ILE A 32 3.87 21.02 -14.16
N ILE A 33 3.22 21.15 -13.00
CA ILE A 33 1.76 21.35 -12.99
C ILE A 33 1.44 22.70 -13.64
N ALA A 34 2.18 23.73 -13.28
CA ALA A 34 1.94 25.06 -13.82
C ALA A 34 2.13 25.17 -15.33
N GLU A 35 3.14 24.49 -15.88
CA GLU A 35 3.41 24.46 -17.31
C GLU A 35 2.72 23.33 -18.04
N ALA A 36 2.07 22.41 -17.32
CA ALA A 36 1.62 21.14 -17.91
C ALA A 36 2.79 20.48 -18.68
N ASP A 37 3.96 20.42 -18.05
CA ASP A 37 5.18 19.91 -18.71
C ASP A 37 5.35 18.43 -18.43
N TRP A 38 4.40 17.65 -18.95
CA TRP A 38 4.31 16.25 -18.53
C TRP A 38 5.53 15.42 -18.90
N GLU A 39 6.23 15.77 -19.95
CA GLU A 39 7.40 15.00 -20.34
C GLU A 39 8.49 14.95 -19.26
N ARG A 40 8.49 15.93 -18.35
CA ARG A 40 9.49 15.95 -17.27
C ARG A 40 9.01 15.25 -15.99
N LEU A 41 7.75 14.87 -15.93
CA LEU A 41 7.22 14.24 -14.72
C LEU A 41 7.87 12.87 -14.39
N PRO A 42 8.07 11.99 -15.37
CA PRO A 42 8.72 10.69 -15.01
C PRO A 42 10.02 10.82 -14.21
N ASP A 43 10.85 11.79 -14.58
N ASP A 43 10.86 11.78 -14.56
CA ASP A 43 12.11 12.06 -13.87
CA ASP A 43 12.11 11.93 -13.83
C ASP A 43 11.91 12.39 -12.39
C ASP A 43 11.85 12.22 -12.34
N LEU A 44 10.74 12.89 -12.04
CA LEU A 44 10.40 13.26 -10.67
C LEU A 44 9.78 12.12 -9.87
N LEU A 45 9.30 11.07 -10.56
CA LEU A 45 8.65 9.94 -9.92
C LEU A 45 9.63 8.83 -9.51
N ALA A 46 9.40 8.24 -8.34
CA ALA A 46 10.09 7.01 -7.99
C ALA A 46 9.51 5.93 -8.90
N GLU A 47 10.30 4.91 -9.23
CA GLU A 47 9.83 3.85 -10.11
C GLU A 47 8.57 3.15 -9.56
N ASP A 48 8.48 3.01 -8.25
CA ASP A 48 7.36 2.32 -7.63
C ASP A 48 6.35 3.25 -7.02
N VAL A 49 6.23 4.45 -7.60
CA VAL A 49 5.28 5.44 -7.13
C VAL A 49 3.87 4.85 -7.02
N VAL A 50 3.18 5.20 -5.93
N VAL A 50 3.15 5.21 -5.95
CA VAL A 50 1.80 4.78 -5.69
CA VAL A 50 1.79 4.77 -5.76
C VAL A 50 0.91 5.98 -5.99
C VAL A 50 0.84 5.95 -5.90
N PHE A 51 -0.16 5.77 -6.75
CA PHE A 51 -1.09 6.83 -7.11
C PHE A 51 -2.53 6.43 -6.77
N SER A 52 -3.17 7.26 -5.97
CA SER A 52 -4.52 7.00 -5.47
C SER A 52 -5.35 8.14 -6.00
N ASN A 53 -6.31 7.84 -6.86
CA ASN A 53 -7.06 8.88 -7.55
C ASN A 53 -8.43 9.06 -6.95
N PRO A 54 -9.15 10.11 -7.34
CA PRO A 54 -10.37 10.45 -6.68
C PRO A 54 -11.56 9.59 -6.94
N SER A 55 -11.45 8.68 -7.92
CA SER A 55 -12.62 7.98 -8.43
C SER A 55 -12.66 6.46 -8.25
N THR A 56 -11.52 5.83 -8.01
N THR A 56 -11.51 5.88 -7.91
CA THR A 56 -11.53 4.42 -7.60
CA THR A 56 -11.38 4.47 -7.66
C THR A 56 -10.57 4.22 -6.43
C THR A 56 -10.54 4.25 -6.39
N PHE A 57 -10.93 3.29 -5.56
CA PHE A 57 -10.18 3.08 -4.34
C PHE A 57 -8.77 2.49 -4.54
N ASP A 58 -8.64 1.45 -5.33
CA ASP A 58 -7.34 0.77 -5.40
C ASP A 58 -6.27 1.65 -6.01
N PRO A 59 -5.14 1.77 -5.33
CA PRO A 59 -4.07 2.53 -5.96
C PRO A 59 -3.45 1.85 -7.16
N TYR A 60 -2.92 2.71 -8.01
CA TYR A 60 -2.12 2.35 -9.16
C TYR A 60 -0.67 2.37 -8.73
N HIS A 61 0.14 1.55 -9.40
CA HIS A 61 1.58 1.40 -9.05
C HIS A 61 2.46 1.58 -10.27
N GLY A 62 3.52 2.37 -10.14
CA GLY A 62 4.41 2.66 -11.25
C GLY A 62 4.08 3.91 -12.01
N LYS A 63 5.03 4.34 -12.83
CA LYS A 63 4.90 5.61 -13.52
C LYS A 63 3.78 5.64 -14.58
N GLY A 64 3.62 4.54 -15.32
CA GLY A 64 2.70 4.46 -16.47
C GLY A 64 1.28 4.97 -16.20
N PRO A 65 0.59 4.38 -15.23
CA PRO A 65 -0.81 4.81 -14.99
C PRO A 65 -0.93 6.25 -14.58
N LEU A 66 0.02 6.69 -13.77
CA LEU A 66 0.02 8.04 -13.37
C LEU A 66 0.19 8.97 -14.57
N MSE A 67 1.10 8.63 -15.50
CA MSE A 67 1.33 9.41 -16.72
C MSE A 67 0.18 9.39 -17.72
O MSE A 67 0.06 10.29 -18.54
CB MSE A 67 2.61 8.94 -17.40
CG MSE A 67 3.84 9.18 -16.54
SE MSE A 67 4.02 11.06 -16.05
CE MSE A 67 4.19 11.52 -17.65
N VAL A 68 -0.65 8.36 -17.69
CA VAL A 68 -1.85 8.35 -18.52
C VAL A 68 -2.94 9.23 -17.89
N ILE A 69 -3.18 9.04 -16.62
CA ILE A 69 -4.32 9.66 -15.96
C ILE A 69 -4.16 11.12 -15.60
N LEU A 70 -3.05 11.44 -14.95
CA LEU A 70 -2.88 12.78 -14.40
C LEU A 70 -2.97 13.90 -15.44
N PRO A 71 -2.30 13.75 -16.59
CA PRO A 71 -2.45 14.76 -17.64
C PRO A 71 -3.89 14.93 -18.20
N ALA A 72 -4.63 13.82 -18.29
CA ALA A 72 -6.00 13.88 -18.76
C ALA A 72 -6.86 14.68 -17.78
N VAL A 73 -6.65 14.43 -16.49
CA VAL A 73 -7.40 15.13 -15.43
C VAL A 73 -7.15 16.63 -15.53
N PHE A 74 -5.88 17.00 -15.61
CA PHE A 74 -5.55 18.41 -15.72
C PHE A 74 -6.02 19.06 -17.01
N SER A 75 -6.20 18.28 -18.08
CA SER A 75 -6.73 18.81 -19.32
C SER A 75 -8.19 19.24 -19.18
N VAL A 76 -8.91 18.64 -18.24
N VAL A 76 -8.93 18.65 -18.27
CA VAL A 76 -10.33 18.93 -18.00
CA VAL A 76 -10.31 19.04 -18.09
C VAL A 76 -10.56 20.01 -16.93
C VAL A 76 -10.41 20.19 -17.09
N LEU A 77 -9.63 20.12 -16.01
CA LEU A 77 -9.72 21.12 -14.96
C LEU A 77 -9.37 22.50 -15.50
N GLU A 78 -10.15 23.52 -15.10
CA GLU A 78 -9.92 24.89 -15.51
C GLU A 78 -9.57 25.74 -14.29
N ASN A 79 -8.78 26.78 -14.55
CA ASN A 79 -8.40 27.72 -13.52
C ASN A 79 -7.82 27.05 -12.29
N PHE A 80 -7.04 26.00 -12.51
CA PHE A 80 -6.45 25.27 -11.40
C PHE A 80 -5.54 26.19 -10.64
N GLN A 81 -5.77 26.30 -9.34
CA GLN A 81 -4.96 27.19 -8.53
C GLN A 81 -4.76 26.56 -7.18
N TYR A 82 -3.51 26.48 -6.75
CA TYR A 82 -3.20 26.01 -5.42
C TYR A 82 -3.58 27.05 -4.37
N ALA A 83 -4.03 26.55 -3.22
CA ALA A 83 -4.48 27.37 -2.10
C ALA A 83 -3.65 27.02 -0.86
N ARG A 84 -4.31 26.57 0.19
CA ARG A 84 -3.58 26.32 1.41
C ARG A 84 -2.68 25.10 1.26
N HIS A 85 -1.55 25.13 1.96
CA HIS A 85 -0.62 24.04 1.96
C HIS A 85 -0.05 23.72 3.32
N PHE A 86 0.35 22.46 3.45
CA PHE A 86 0.72 21.86 4.73
C PHE A 86 1.85 20.88 4.51
N SER A 87 2.67 20.69 5.52
CA SER A 87 3.81 19.79 5.38
C SER A 87 4.04 18.87 6.56
N SER A 88 4.79 17.81 6.26
CA SER A 88 5.29 16.86 7.22
C SER A 88 6.80 16.74 6.93
N LYS A 89 7.47 15.81 7.60
CA LYS A 89 8.93 15.69 7.42
C LYS A 89 9.30 15.30 5.99
N SER A 90 8.36 14.64 5.30
CA SER A 90 8.61 13.95 4.04
C SER A 90 7.65 14.27 2.90
N GLY A 91 6.64 15.08 3.19
CA GLY A 91 5.61 15.32 2.23
C GLY A 91 4.77 16.54 2.53
N TYR A 92 3.77 16.71 1.68
CA TYR A 92 2.92 17.86 1.66
C TYR A 92 1.49 17.52 1.33
N VAL A 93 0.59 18.39 1.77
CA VAL A 93 -0.77 18.42 1.24
C VAL A 93 -0.97 19.80 0.65
N LEU A 94 -1.37 19.81 -0.63
CA LEU A 94 -1.61 21.03 -1.41
C LEU A 94 -3.10 21.08 -1.77
N GLU A 95 -3.82 22.00 -1.12
CA GLU A 95 -5.21 22.24 -1.43
C GLU A 95 -5.25 23.01 -2.74
N PHE A 96 -6.30 22.81 -3.53
CA PHE A 96 -6.48 23.54 -4.75
C PHE A 96 -7.94 23.83 -5.03
N ASN A 97 -8.17 24.81 -5.90
CA ASN A 97 -9.47 25.10 -6.39
C ASN A 97 -9.43 24.91 -7.91
N ALA A 98 -10.57 24.56 -8.49
CA ALA A 98 -10.64 24.47 -9.96
C ALA A 98 -12.11 24.35 -10.34
N ASN A 99 -12.37 24.40 -11.64
CA ASN A 99 -13.70 24.21 -12.13
C ASN A 99 -13.70 23.44 -13.45
N MSE A 100 -14.83 22.80 -13.71
CA MSE A 100 -15.07 22.16 -14.99
C MSE A 100 -16.33 22.83 -15.49
O MSE A 100 -17.42 22.61 -14.96
CB MSE A 100 -15.25 20.65 -14.78
CG MSE A 100 -15.68 19.99 -16.09
SE MSE A 100 -15.95 18.03 -15.93
CE MSE A 100 -16.31 17.99 -14.47
N GLY A 101 -16.18 23.69 -16.51
CA GLY A 101 -17.29 24.51 -16.95
C GLY A 101 -17.80 25.29 -15.73
N ASP A 102 -19.10 25.28 -15.49
N ASP A 102 -19.11 25.23 -15.51
CA ASP A 102 -19.66 26.04 -14.39
CA ASP A 102 -19.80 25.95 -14.45
C ASP A 102 -19.76 25.23 -13.09
C ASP A 102 -19.85 25.16 -13.13
N GLU A 103 -19.11 24.06 -13.05
CA GLU A 103 -19.10 23.21 -11.86
C GLU A 103 -17.80 23.44 -11.08
N LEU A 104 -17.90 24.02 -9.90
CA LEU A 104 -16.72 24.31 -9.12
C LEU A 104 -16.36 23.16 -8.21
N LEU A 105 -15.08 23.03 -7.94
CA LEU A 105 -14.60 22.04 -7.00
C LEU A 105 -13.41 22.54 -6.23
N THR A 106 -13.13 21.83 -5.13
CA THR A 106 -11.89 22.00 -4.40
C THR A 106 -11.32 20.61 -4.21
N GLY A 107 -10.04 20.56 -3.88
CA GLY A 107 -9.38 19.28 -3.71
C GLY A 107 -8.06 19.38 -2.97
N VAL A 108 -7.42 18.22 -2.80
CA VAL A 108 -6.05 18.20 -2.29
C VAL A 108 -5.21 17.22 -3.10
N ASP A 109 -3.92 17.57 -3.21
CA ASP A 109 -2.89 16.62 -3.66
C ASP A 109 -2.05 16.35 -2.40
N LEU A 110 -1.98 15.08 -1.98
CA LEU A 110 -1.10 14.68 -0.92
C LEU A 110 0.11 14.05 -1.62
N ILE A 111 1.30 14.57 -1.34
CA ILE A 111 2.51 14.14 -2.05
C ILE A 111 3.58 13.76 -1.06
N GLU A 112 4.09 12.53 -1.18
CA GLU A 112 5.20 12.09 -0.36
C GLU A 112 6.44 11.93 -1.23
N PHE A 113 7.58 12.34 -0.69
CA PHE A 113 8.88 12.28 -1.36
C PHE A 113 9.83 11.41 -0.62
N ASN A 114 10.74 10.75 -1.34
CA ASN A 114 11.84 10.06 -0.67
C ASN A 114 13.03 11.00 -0.47
N ASP A 115 14.11 10.49 0.13
CA ASP A 115 15.27 11.35 0.44
C ASP A 115 15.97 11.87 -0.80
N ALA A 116 15.82 11.16 -1.91
CA ALA A 116 16.33 11.61 -3.20
C ALA A 116 15.47 12.74 -3.83
N GLY A 117 14.35 13.14 -3.20
CA GLY A 117 13.46 14.16 -3.79
C GLY A 117 12.56 13.68 -4.91
N LYS A 118 12.27 12.37 -4.92
CA LYS A 118 11.39 11.76 -5.88
C LYS A 118 10.06 11.39 -5.22
N ILE A 119 8.99 11.46 -6.01
CA ILE A 119 7.65 11.22 -5.48
C ILE A 119 7.40 9.74 -5.34
N THR A 120 7.07 9.32 -4.11
CA THR A 120 6.76 7.93 -3.80
C THR A 120 5.26 7.65 -3.72
N ASP A 121 4.48 8.69 -3.42
CA ASP A 121 3.05 8.60 -3.29
C ASP A 121 2.38 9.88 -3.71
N LEU A 122 1.30 9.76 -4.49
CA LEU A 122 0.45 10.88 -4.83
C LEU A 122 -0.99 10.43 -4.60
N VAL A 123 -1.73 11.17 -3.77
CA VAL A 123 -3.17 10.91 -3.53
C VAL A 123 -3.90 12.18 -3.98
N VAL A 124 -4.96 12.02 -4.78
CA VAL A 124 -5.77 13.15 -5.19
C VAL A 124 -7.20 12.93 -4.69
N MSE A 125 -7.80 13.94 -4.04
CA MSE A 125 -9.18 13.88 -3.57
C MSE A 125 -9.81 15.17 -3.97
O MSE A 125 -9.11 16.20 -4.00
CB MSE A 125 -9.27 13.84 -2.03
CG MSE A 125 -8.51 12.82 -1.42
SE MSE A 125 -9.06 12.75 0.43
CE MSE A 125 -7.54 11.60 0.91
N MSE A 126 -11.12 15.13 -4.22
N MSE A 126 -11.10 15.14 -4.32
CA MSE A 126 -11.87 16.31 -4.60
CA MSE A 126 -11.84 16.35 -4.66
C MSE A 126 -13.29 16.30 -4.00
C MSE A 126 -13.31 16.29 -4.14
O MSE A 126 -13.80 15.25 -3.54
O MSE A 126 -13.86 15.21 -3.91
CB MSE A 126 -11.98 16.34 -6.12
CB MSE A 126 -11.89 16.55 -6.19
CG MSE A 126 -10.67 16.08 -6.88
CG MSE A 126 -10.55 16.92 -6.86
SE MSE A 126 -10.89 16.15 -8.74
SE MSE A 126 -10.68 16.95 -8.77
CE MSE A 126 -9.09 16.32 -9.32
CE MSE A 126 -11.66 15.24 -9.02
N ARG A 127 -13.90 17.47 -4.02
CA ARG A 127 -15.28 17.66 -3.55
C ARG A 127 -15.89 18.78 -4.40
N PRO A 128 -17.21 18.73 -4.59
CA PRO A 128 -18.08 17.68 -4.12
C PRO A 128 -17.99 16.42 -4.99
N ALA A 129 -18.32 15.28 -4.39
CA ALA A 129 -18.30 14.00 -5.08
C ALA A 129 -19.05 13.95 -6.41
N SER A 130 -20.20 14.63 -6.50
CA SER A 130 -21.00 14.58 -7.70
C SER A 130 -20.22 15.13 -8.90
N VAL A 131 -19.42 16.16 -8.66
CA VAL A 131 -18.65 16.81 -9.71
C VAL A 131 -17.50 15.90 -10.13
N VAL A 132 -16.94 15.17 -9.16
CA VAL A 132 -15.87 14.22 -9.43
C VAL A 132 -16.37 13.10 -10.34
N ILE A 133 -17.61 12.66 -10.12
CA ILE A 133 -18.20 11.62 -10.97
C ILE A 133 -18.25 12.13 -12.44
N ASP A 134 -18.72 13.37 -12.62
CA ASP A 134 -18.79 14.01 -13.95
C ASP A 134 -17.38 14.12 -14.57
N LEU A 135 -16.46 14.62 -13.79
CA LEU A 135 -15.08 14.74 -14.20
C LEU A 135 -14.48 13.41 -14.69
N SER A 136 -14.75 12.33 -13.97
N SER A 136 -14.75 12.33 -13.97
CA SER A 136 -14.19 11.03 -14.31
CA SER A 136 -14.18 11.02 -14.32
C SER A 136 -14.70 10.50 -15.65
C SER A 136 -14.68 10.53 -15.66
N VAL A 137 -15.95 10.78 -15.96
CA VAL A 137 -16.50 10.38 -17.25
C VAL A 137 -15.74 11.12 -18.35
N GLU A 138 -15.52 12.41 -18.17
CA GLU A 138 -14.80 13.18 -19.20
C GLU A 138 -13.34 12.76 -19.32
N VAL A 139 -12.69 12.49 -18.19
CA VAL A 139 -11.31 12.01 -18.22
C VAL A 139 -11.19 10.66 -18.93
N GLY A 140 -12.13 9.75 -18.67
CA GLY A 140 -12.17 8.48 -19.41
C GLY A 140 -12.26 8.68 -20.92
N LYS A 141 -13.13 9.60 -21.37
CA LYS A 141 -13.26 9.90 -22.80
C LYS A 141 -11.94 10.35 -23.41
N ARG A 142 -11.26 11.25 -22.71
CA ARG A 142 -10.02 11.79 -23.22
C ARG A 142 -8.89 10.78 -23.21
N ILE A 143 -8.90 9.87 -22.25
CA ILE A 143 -7.87 8.84 -22.19
C ILE A 143 -8.09 7.95 -23.40
N ALA A 144 -9.34 7.58 -23.61
CA ALA A 144 -9.72 6.73 -24.75
C ALA A 144 -9.33 7.41 -26.05
N ALA A 145 -9.69 8.68 -26.19
CA ALA A 145 -9.39 9.43 -27.39
C ALA A 145 -7.89 9.47 -27.69
N ALA A 146 -7.08 9.61 -26.64
CA ALA A 146 -5.64 9.70 -26.81
C ALA A 146 -5.00 8.33 -27.06
N GLN A 147 -5.73 7.26 -26.77
CA GLN A 147 -5.22 5.90 -26.93
C GLN A 147 -5.37 5.35 -28.36
N SER B 17 5.02 26.27 12.34
CA SER B 17 4.63 25.37 13.48
C SER B 17 3.58 26.06 14.39
N PRO B 18 2.42 25.41 14.64
CA PRO B 18 1.37 26.06 15.44
C PRO B 18 1.70 26.27 16.91
N ASN B 19 1.11 27.30 17.50
CA ASN B 19 1.34 27.62 18.91
C ASN B 19 0.67 26.62 19.86
N ALA B 20 0.90 26.85 21.16
CA ALA B 20 0.38 26.00 22.22
C ALA B 20 -1.14 25.87 22.20
N ALA B 21 -1.83 26.98 21.92
CA ALA B 21 -3.29 27.00 21.93
C ALA B 21 -3.84 26.14 20.82
N VAL B 22 -3.25 26.27 19.64
CA VAL B 22 -3.64 25.47 18.49
C VAL B 22 -3.34 23.98 18.75
N GLN B 23 -2.16 23.66 19.26
CA GLN B 23 -1.84 22.27 19.56
C GLN B 23 -2.86 21.68 20.54
N SER B 24 -3.26 22.47 21.54
N SER B 24 -3.26 22.49 21.52
CA SER B 24 -4.27 22.04 22.51
CA SER B 24 -4.25 22.08 22.53
C SER B 24 -5.62 21.83 21.85
C SER B 24 -5.62 21.86 21.87
N GLY B 25 -5.94 22.69 20.88
CA GLY B 25 -7.19 22.53 20.13
C GLY B 25 -7.17 21.22 19.34
N LEU B 26 -6.02 20.89 18.76
CA LEU B 26 -5.88 19.64 18.02
C LEU B 26 -6.04 18.44 18.93
N GLN B 27 -5.46 18.52 20.12
CA GLN B 27 -5.56 17.46 21.10
C GLN B 27 -7.04 17.25 21.44
N GLU B 28 -7.76 18.35 21.66
CA GLU B 28 -9.19 18.26 21.99
C GLU B 28 -10.01 17.69 20.81
N TRP B 29 -9.73 18.11 19.57
CA TRP B 29 -10.38 17.54 18.38
C TRP B 29 -10.21 16.03 18.38
N HIS B 30 -8.97 15.58 18.58
CA HIS B 30 -8.68 14.16 18.57
C HIS B 30 -9.45 13.40 19.65
N ARG B 31 -9.53 13.99 20.84
CA ARG B 31 -10.22 13.40 21.97
C ARG B 31 -11.71 13.30 21.66
N ILE B 32 -12.30 14.37 21.14
CA ILE B 32 -13.73 14.38 20.84
C ILE B 32 -14.02 13.29 19.80
N ILE B 33 -13.19 13.18 18.77
CA ILE B 33 -13.40 12.14 17.75
C ILE B 33 -13.21 10.74 18.36
N ALA B 34 -12.10 10.53 19.07
CA ALA B 34 -11.83 9.23 19.68
C ALA B 34 -12.93 8.78 20.65
N GLU B 35 -13.49 9.71 21.41
CA GLU B 35 -14.49 9.37 22.43
C GLU B 35 -15.93 9.66 22.00
N ALA B 36 -16.11 10.12 20.77
CA ALA B 36 -17.43 10.56 20.29
C ALA B 36 -18.10 11.51 21.29
N ASP B 37 -17.31 12.42 21.84
CA ASP B 37 -17.79 13.30 22.89
C ASP B 37 -18.35 14.61 22.32
N TRP B 38 -19.46 14.47 21.60
CA TRP B 38 -20.03 15.58 20.83
C TRP B 38 -20.53 16.72 21.71
N GLU B 39 -20.89 16.45 22.95
CA GLU B 39 -21.34 17.53 23.80
C GLU B 39 -20.24 18.59 23.99
N ARG B 40 -18.98 18.22 23.80
N ARG B 40 -18.98 18.20 23.83
CA ARG B 40 -17.89 19.17 23.99
CA ARG B 40 -17.85 19.12 23.99
C ARG B 40 -17.43 19.82 22.68
C ARG B 40 -17.45 19.82 22.69
N LEU B 41 -18.07 19.43 21.58
CA LEU B 41 -17.75 20.05 20.30
C LEU B 41 -18.03 21.56 20.20
N PRO B 42 -19.21 22.02 20.65
CA PRO B 42 -19.38 23.48 20.50
C PRO B 42 -18.30 24.39 21.11
N ASP B 43 -17.79 24.03 22.28
N ASP B 43 -17.77 24.01 22.26
CA ASP B 43 -16.75 24.86 22.94
CA ASP B 43 -16.75 24.82 22.93
C ASP B 43 -15.42 24.87 22.18
C ASP B 43 -15.48 24.93 22.09
N LEU B 44 -15.23 23.92 21.27
CA LEU B 44 -14.03 23.86 20.42
C LEU B 44 -14.15 24.69 19.15
N LEU B 45 -15.37 25.02 18.77
CA LEU B 45 -15.63 25.72 17.53
C LEU B 45 -15.70 27.23 17.74
N ALA B 46 -15.17 27.98 16.79
CA ALA B 46 -15.37 29.42 16.75
C ALA B 46 -16.83 29.69 16.31
N GLU B 47 -17.38 30.83 16.72
CA GLU B 47 -18.77 31.16 16.41
C GLU B 47 -18.99 31.23 14.91
N ASP B 48 -17.97 31.69 14.23
CA ASP B 48 -18.04 31.91 12.78
C ASP B 48 -17.44 30.76 11.95
N VAL B 49 -17.40 29.57 12.52
CA VAL B 49 -16.80 28.44 11.84
C VAL B 49 -17.46 28.16 10.50
N VAL B 50 -16.64 27.79 9.52
N VAL B 50 -16.65 27.75 9.51
CA VAL B 50 -17.08 27.40 8.19
CA VAL B 50 -17.14 27.36 8.20
C VAL B 50 -16.86 25.87 8.10
C VAL B 50 -16.77 25.91 7.86
N PHE B 51 -17.79 25.16 7.43
CA PHE B 51 -17.66 23.73 7.23
C PHE B 51 -17.97 23.36 5.78
N SER B 52 -16.98 22.75 5.13
CA SER B 52 -17.10 22.32 3.72
C SER B 52 -17.08 20.80 3.72
N ASN B 53 -18.15 20.20 3.23
CA ASN B 53 -18.26 18.76 3.38
C ASN B 53 -18.02 18.06 2.07
N PRO B 54 -17.94 16.71 2.11
CA PRO B 54 -17.52 16.01 0.88
C PRO B 54 -18.49 15.92 -0.28
N SER B 55 -19.75 16.21 -0.03
CA SER B 55 -20.83 15.98 -1.01
C SER B 55 -21.53 17.18 -1.60
N THR B 56 -21.40 18.35 -0.99
CA THR B 56 -21.96 19.55 -1.63
C THR B 56 -20.96 20.69 -1.58
N PHE B 57 -20.98 21.52 -2.60
CA PHE B 57 -19.98 22.57 -2.70
C PHE B 57 -20.14 23.71 -1.72
N ASP B 58 -21.37 24.18 -1.48
CA ASP B 58 -21.54 25.36 -0.63
C ASP B 58 -21.19 25.06 0.80
N PRO B 59 -20.44 25.95 1.45
CA PRO B 59 -20.15 25.71 2.86
C PRO B 59 -21.34 25.92 3.76
N TYR B 60 -21.29 25.26 4.91
CA TYR B 60 -22.19 25.53 6.02
C TYR B 60 -21.52 26.50 6.97
N HIS B 61 -22.30 27.41 7.56
CA HIS B 61 -21.79 28.38 8.52
C HIS B 61 -22.34 28.16 9.92
N GLY B 62 -21.48 28.31 10.91
CA GLY B 62 -21.90 28.27 12.29
C GLY B 62 -21.81 26.93 12.93
N LYS B 63 -22.01 26.90 14.24
CA LYS B 63 -21.87 25.66 14.96
C LYS B 63 -22.95 24.62 14.75
N GLY B 64 -24.19 25.06 14.58
CA GLY B 64 -25.32 24.15 14.41
C GLY B 64 -25.14 23.08 13.34
N PRO B 65 -24.84 23.48 12.09
CA PRO B 65 -24.65 22.47 11.07
C PRO B 65 -23.60 21.43 11.41
N LEU B 66 -22.51 21.83 12.09
CA LEU B 66 -21.47 20.85 12.45
C LEU B 66 -21.94 19.90 13.56
N MSE B 67 -22.69 20.45 14.51
N MSE B 67 -22.70 20.43 14.49
CA MSE B 67 -23.28 19.69 15.60
CA MSE B 67 -23.23 19.62 15.57
C MSE B 67 -24.24 18.63 15.05
C MSE B 67 -24.22 18.59 15.03
O MSE B 67 -24.36 17.55 15.60
O MSE B 67 -24.35 17.51 15.57
CB MSE B 67 -24.02 20.63 16.58
CB MSE B 67 -23.87 20.50 16.64
CG MSE B 67 -23.10 21.60 17.37
CG MSE B 67 -24.20 19.78 17.92
SE MSE B 67 -23.97 23.11 18.14
SE MSE B 67 -22.63 19.11 18.97
CE MSE B 67 -24.88 22.15 19.56
CE MSE B 67 -21.83 17.88 17.75
N VAL B 68 -24.93 18.95 13.96
CA VAL B 68 -25.87 18.00 13.37
C VAL B 68 -25.14 16.98 12.51
N ILE B 69 -24.24 17.46 11.65
CA ILE B 69 -23.66 16.61 10.61
C ILE B 69 -22.50 15.75 11.08
N LEU B 70 -21.56 16.32 11.82
CA LEU B 70 -20.38 15.52 12.21
C LEU B 70 -20.64 14.25 12.97
N PRO B 71 -21.49 14.28 14.00
CA PRO B 71 -21.72 13.01 14.70
C PRO B 71 -22.28 11.95 13.76
N ALA B 72 -23.11 12.36 12.80
CA ALA B 72 -23.70 11.41 11.85
C ALA B 72 -22.64 10.86 10.90
N VAL B 73 -21.77 11.73 10.40
CA VAL B 73 -20.70 11.29 9.50
C VAL B 73 -19.83 10.28 10.26
N PHE B 74 -19.38 10.62 11.45
CA PHE B 74 -18.52 9.69 12.19
C PHE B 74 -19.23 8.41 12.60
N SER B 75 -20.54 8.48 12.80
N SER B 75 -20.54 8.46 12.80
CA SER B 75 -21.34 7.29 13.12
CA SER B 75 -21.29 7.23 13.12
C SER B 75 -21.32 6.25 11.98
C SER B 75 -21.24 6.23 11.96
N VAL B 76 -21.22 6.73 10.73
CA VAL B 76 -21.19 5.85 9.55
C VAL B 76 -19.81 5.30 9.26
N LEU B 77 -18.75 5.99 9.65
CA LEU B 77 -17.41 5.54 9.31
C LEU B 77 -16.99 4.43 10.25
N GLU B 78 -16.74 3.25 9.70
CA GLU B 78 -16.30 2.13 10.48
C GLU B 78 -14.77 1.99 10.43
N ASN B 79 -14.18 1.42 11.49
CA ASN B 79 -12.73 1.23 11.55
C ASN B 79 -11.99 2.53 11.26
N PHE B 80 -12.54 3.64 11.74
CA PHE B 80 -11.90 4.93 11.54
C PHE B 80 -10.51 4.98 12.15
N GLN B 81 -9.52 5.35 11.35
CA GLN B 81 -8.15 5.43 11.78
C GLN B 81 -7.44 6.61 11.16
N TYR B 82 -6.90 7.51 11.96
CA TYR B 82 -6.04 8.57 11.43
C TYR B 82 -4.71 7.99 10.92
N ALA B 83 -4.26 8.53 9.78
CA ALA B 83 -3.04 8.08 9.13
C ALA B 83 -2.04 9.26 9.06
N ARG B 84 -1.57 9.65 7.88
CA ARG B 84 -0.55 10.70 7.78
C ARG B 84 -1.12 12.05 8.18
N HIS B 85 -0.30 12.88 8.78
CA HIS B 85 -0.71 14.22 9.13
C HIS B 85 0.33 15.27 8.79
N PHE B 86 -0.16 16.49 8.62
CA PHE B 86 0.60 17.59 8.01
C PHE B 86 0.13 18.85 8.70
N SER B 87 1.05 19.80 8.81
CA SER B 87 0.71 21.04 9.49
C SER B 87 1.13 22.28 8.74
N SER B 88 0.44 23.38 9.09
CA SER B 88 0.80 24.71 8.68
C SER B 88 0.96 25.52 9.96
N LYS B 89 1.12 26.82 9.84
CA LYS B 89 1.25 27.67 11.03
C LYS B 89 0.01 27.68 11.92
N SER B 90 -1.14 27.49 11.27
N SER B 90 -1.18 27.49 11.37
CA SER B 90 -2.47 27.70 11.84
CA SER B 90 -2.33 27.50 12.25
C SER B 90 -3.39 26.47 11.87
C SER B 90 -3.41 26.50 11.81
N GLY B 91 -2.96 25.40 11.21
CA GLY B 91 -3.87 24.32 10.92
C GLY B 91 -3.18 23.03 10.52
N TYR B 92 -4.03 22.07 10.19
CA TYR B 92 -3.58 20.71 9.95
C TYR B 92 -4.36 20.06 8.86
N VAL B 93 -3.74 19.05 8.25
CA VAL B 93 -4.50 18.11 7.42
C VAL B 93 -4.27 16.72 7.99
N LEU B 94 -5.38 16.03 8.28
CA LEU B 94 -5.33 14.73 8.93
C LEU B 94 -5.95 13.76 7.96
N GLU B 95 -5.11 12.91 7.35
CA GLU B 95 -5.58 11.83 6.50
C GLU B 95 -6.19 10.75 7.40
N PHE B 96 -7.19 10.04 6.86
CA PHE B 96 -7.77 8.92 7.56
C PHE B 96 -8.17 7.83 6.61
N ASN B 97 -8.27 6.61 7.16
N ASN B 97 -8.39 6.65 7.16
CA ASN B 97 -8.81 5.43 6.49
CA ASN B 97 -8.93 5.56 6.40
C ASN B 97 -10.12 5.08 7.20
C ASN B 97 -10.09 4.99 7.20
N ALA B 98 -11.05 4.46 6.48
CA ALA B 98 -12.29 3.94 7.09
C ALA B 98 -13.01 3.11 6.03
N ASN B 99 -14.15 2.56 6.42
CA ASN B 99 -15.02 1.82 5.50
C ASN B 99 -16.49 2.03 5.91
N MSE B 100 -17.37 1.84 4.96
CA MSE B 100 -18.80 1.80 5.20
C MSE B 100 -19.20 0.44 4.63
O MSE B 100 -19.27 0.26 3.41
CB MSE B 100 -19.59 2.91 4.52
CG MSE B 100 -21.06 2.77 4.90
SE MSE B 100 -22.21 4.11 4.05
CE MSE B 100 -21.49 4.12 2.48
N GLY B 101 -19.39 -0.54 5.51
CA GLY B 101 -19.59 -1.91 5.08
C GLY B 101 -18.40 -2.32 4.23
N ASP B 102 -18.64 -2.89 3.06
CA ASP B 102 -17.55 -3.34 2.21
C ASP B 102 -16.99 -2.26 1.29
N GLU B 103 -17.40 -1.01 1.51
CA GLU B 103 -16.95 0.10 0.70
C GLU B 103 -15.78 0.76 1.43
N LEU B 104 -14.58 0.60 0.89
CA LEU B 104 -13.40 1.18 1.53
C LEU B 104 -13.24 2.64 1.08
N LEU B 105 -12.67 3.46 1.95
CA LEU B 105 -12.42 4.84 1.62
C LEU B 105 -11.21 5.41 2.36
N THR B 106 -10.65 6.48 1.80
CA THR B 106 -9.74 7.30 2.56
C THR B 106 -10.26 8.74 2.48
N GLY B 107 -9.70 9.59 3.31
CA GLY B 107 -10.13 10.97 3.31
C GLY B 107 -9.19 11.87 4.07
N VAL B 108 -9.52 13.17 4.09
CA VAL B 108 -8.83 14.11 4.97
C VAL B 108 -9.80 15.02 5.71
N ASP B 109 -9.35 15.39 6.91
CA ASP B 109 -9.91 16.51 7.69
C ASP B 109 -8.87 17.62 7.62
N LEU B 110 -9.22 18.75 7.01
CA LEU B 110 -8.39 19.95 6.99
C LEU B 110 -9.02 20.85 8.03
N ILE B 111 -8.22 21.22 9.03
CA ILE B 111 -8.74 21.94 10.17
C ILE B 111 -7.88 23.17 10.42
N GLU B 112 -8.52 24.33 10.45
CA GLU B 112 -7.85 25.59 10.74
C GLU B 112 -8.30 26.09 12.09
N PHE B 113 -7.35 26.59 12.87
CA PHE B 113 -7.62 27.13 14.18
C PHE B 113 -7.25 28.61 14.26
N ASN B 114 -7.96 29.34 15.10
CA ASN B 114 -7.58 30.71 15.38
C ASN B 114 -6.57 30.69 16.51
N ASP B 115 -6.08 31.86 16.88
CA ASP B 115 -5.07 31.97 17.92
C ASP B 115 -5.50 31.51 19.30
N ALA B 116 -6.80 31.48 19.55
CA ALA B 116 -7.35 31.00 20.82
C ALA B 116 -7.55 29.49 20.81
N GLY B 117 -7.15 28.83 19.73
CA GLY B 117 -7.25 27.38 19.62
C GLY B 117 -8.64 26.84 19.30
N LYS B 118 -9.45 27.67 18.64
CA LYS B 118 -10.80 27.28 18.23
C LYS B 118 -10.87 27.10 16.72
N ILE B 119 -11.69 26.15 16.31
CA ILE B 119 -11.80 25.81 14.90
C ILE B 119 -12.58 26.85 14.13
N THR B 120 -11.93 27.39 13.10
CA THR B 120 -12.51 28.38 12.23
C THR B 120 -12.92 27.80 10.88
N ASP B 121 -12.27 26.70 10.48
N ASP B 121 -12.32 26.69 10.47
CA ASP B 121 -12.55 26.04 9.22
CA ASP B 121 -12.71 26.06 9.20
C ASP B 121 -12.40 24.55 9.36
C ASP B 121 -12.39 24.60 9.25
N LEU B 122 -13.36 23.81 8.83
CA LEU B 122 -13.23 22.37 8.73
C LEU B 122 -13.64 22.00 7.29
N VAL B 123 -12.70 21.37 6.57
CA VAL B 123 -13.01 20.80 5.30
C VAL B 123 -12.84 19.29 5.35
N VAL B 124 -13.84 18.57 4.87
CA VAL B 124 -13.72 17.11 4.86
C VAL B 124 -13.85 16.64 3.41
N MSE B 125 -12.90 15.82 2.95
CA MSE B 125 -13.01 15.22 1.63
C MSE B 125 -12.76 13.74 1.78
O MSE B 125 -12.05 13.31 2.72
CB MSE B 125 -11.98 15.77 0.65
CG MSE B 125 -11.87 17.26 0.65
SE MSE B 125 -10.57 17.71 -0.73
CE MSE B 125 -10.47 19.56 -0.29
N MSE B 126 -13.35 12.96 0.88
CA MSE B 126 -13.16 11.52 0.87
C MSE B 126 -13.04 11.01 -0.55
O MSE B 126 -13.46 11.68 -1.51
CB MSE B 126 -14.32 10.83 1.57
CG MSE B 126 -14.38 11.21 3.01
SE MSE B 126 -16.00 10.37 3.81
CE MSE B 126 -16.07 11.41 5.43
N ARG B 127 -12.48 9.82 -0.67
CA ARG B 127 -12.36 9.14 -1.97
C ARG B 127 -12.53 7.65 -1.75
N PRO B 128 -13.05 6.93 -2.77
CA PRO B 128 -13.48 7.38 -4.07
C PRO B 128 -14.87 8.07 -4.02
N ALA B 129 -15.10 8.97 -4.97
CA ALA B 129 -16.37 9.72 -5.04
C ALA B 129 -17.63 8.85 -4.97
N SER B 130 -17.59 7.67 -5.61
CA SER B 130 -18.78 6.79 -5.67
C SER B 130 -19.19 6.39 -4.25
N VAL B 131 -18.20 6.15 -3.39
CA VAL B 131 -18.48 5.78 -2.00
C VAL B 131 -19.07 6.99 -1.22
N VAL B 132 -18.59 8.19 -1.54
CA VAL B 132 -19.08 9.40 -0.87
C VAL B 132 -20.56 9.59 -1.19
N ILE B 133 -20.97 9.26 -2.42
CA ILE B 133 -22.36 9.36 -2.83
C ILE B 133 -23.21 8.47 -1.92
N ASP B 134 -22.79 7.23 -1.77
CA ASP B 134 -23.48 6.28 -0.86
C ASP B 134 -23.47 6.72 0.59
N LEU B 135 -22.32 7.14 1.07
CA LEU B 135 -22.20 7.58 2.45
C LEU B 135 -23.10 8.76 2.76
N SER B 136 -23.23 9.68 1.81
N SER B 136 -23.21 9.70 1.82
N SER B 136 -23.21 9.71 1.82
CA SER B 136 -24.03 10.88 2.04
CA SER B 136 -24.03 10.89 2.00
CA SER B 136 -24.04 10.89 2.03
C SER B 136 -25.53 10.57 2.17
C SER B 136 -25.51 10.55 2.19
C SER B 136 -25.52 10.53 2.21
N VAL B 137 -26.00 9.57 1.43
CA VAL B 137 -27.38 9.11 1.60
C VAL B 137 -27.58 8.58 3.03
N GLU B 138 -26.64 7.77 3.53
CA GLU B 138 -26.81 7.19 4.86
C GLU B 138 -26.69 8.27 5.92
N VAL B 139 -25.81 9.25 5.71
CA VAL B 139 -25.65 10.34 6.68
C VAL B 139 -26.96 11.09 6.83
N GLY B 140 -27.64 11.33 5.70
CA GLY B 140 -28.94 11.95 5.75
C GLY B 140 -29.92 11.19 6.61
N LYS B 141 -29.91 9.87 6.48
CA LYS B 141 -30.81 9.05 7.28
C LYS B 141 -30.43 9.08 8.75
N ARG B 142 -29.15 9.08 9.06
CA ARG B 142 -28.63 9.11 10.41
C ARG B 142 -29.04 10.39 11.12
N ILE B 143 -29.01 11.51 10.37
CA ILE B 143 -29.40 12.81 10.91
C ILE B 143 -30.89 12.77 11.24
N ALA B 144 -31.71 12.29 10.31
CA ALA B 144 -33.16 12.15 10.60
C ALA B 144 -33.42 11.27 11.84
N ALA B 145 -32.58 10.24 12.06
CA ALA B 145 -32.77 9.31 13.18
C ALA B 145 -32.04 9.67 14.47
N ALA B 146 -31.43 10.85 14.53
CA ALA B 146 -30.59 11.19 15.69
C ALA B 146 -31.38 11.12 16.99
N GLN B 147 -30.76 10.58 18.04
CA GLN B 147 -31.39 10.49 19.36
C GLN B 147 -30.82 11.53 20.33
N SER B 148 -29.74 12.18 19.93
CA SER B 148 -29.21 13.31 20.70
C SER B 148 -28.15 13.95 19.82
N PRO C 18 17.43 -16.67 16.84
CA PRO C 18 18.70 -17.40 16.64
C PRO C 18 19.82 -17.00 17.57
N ASN C 19 20.83 -17.86 17.68
CA ASN C 19 22.00 -17.62 18.52
C ASN C 19 22.88 -16.49 17.95
N ALA C 20 23.94 -16.16 18.67
CA ALA C 20 24.78 -15.03 18.33
C ALA C 20 25.49 -15.23 17.01
N ALA C 21 26.01 -16.43 16.78
CA ALA C 21 26.66 -16.75 15.49
C ALA C 21 25.75 -16.52 14.28
N VAL C 22 24.51 -16.97 14.38
CA VAL C 22 23.54 -16.84 13.28
C VAL C 22 23.21 -15.36 13.12
N GLN C 23 23.03 -14.66 14.23
CA GLN C 23 22.73 -13.23 14.17
C GLN C 23 23.85 -12.47 13.43
N SER C 24 25.09 -12.83 13.75
CA SER C 24 26.26 -12.25 13.10
C SER C 24 26.34 -12.62 11.60
N GLY C 25 25.95 -13.84 11.28
CA GLY C 25 25.89 -14.25 9.90
C GLY C 25 24.86 -13.46 9.13
N LEU C 26 23.71 -13.14 9.74
CA LEU C 26 22.72 -12.38 8.98
C LEU C 26 23.26 -10.97 8.76
N GLN C 27 23.96 -10.42 9.76
CA GLN C 27 24.55 -9.09 9.58
C GLN C 27 25.53 -9.07 8.43
N GLU C 28 26.35 -10.11 8.32
CA GLU C 28 27.34 -10.19 7.24
C GLU C 28 26.63 -10.37 5.90
N TRP C 29 25.60 -11.21 5.85
CA TRP C 29 24.76 -11.28 4.65
C TRP C 29 24.26 -9.89 4.24
N HIS C 30 23.67 -9.18 5.18
CA HIS C 30 23.17 -7.83 4.88
C HIS C 30 24.26 -6.91 4.30
N ARG C 31 25.43 -6.97 4.90
CA ARG C 31 26.57 -6.18 4.45
C ARG C 31 27.01 -6.57 3.05
N ILE C 32 27.14 -7.87 2.79
CA ILE C 32 27.55 -8.35 1.47
C ILE C 32 26.58 -7.85 0.40
N ILE C 33 25.27 -7.94 0.68
N ILE C 33 25.27 -7.96 0.66
CA ILE C 33 24.27 -7.48 -0.27
CA ILE C 33 24.23 -7.49 -0.30
C ILE C 33 24.38 -5.97 -0.46
C ILE C 33 24.23 -5.97 -0.46
N ALA C 34 24.40 -5.24 0.64
CA ALA C 34 24.42 -3.77 0.59
C ALA C 34 25.62 -3.23 -0.14
N GLU C 35 26.78 -3.88 0.04
CA GLU C 35 28.06 -3.45 -0.53
C GLU C 35 28.43 -4.22 -1.80
N ALA C 36 27.61 -5.19 -2.22
CA ALA C 36 27.94 -6.09 -3.35
C ALA C 36 29.36 -6.69 -3.16
N ASP C 37 29.65 -7.14 -1.95
CA ASP C 37 30.99 -7.57 -1.61
C ASP C 37 31.06 -9.06 -1.80
N TRP C 38 30.93 -9.47 -3.05
CA TRP C 38 30.82 -10.89 -3.39
C TRP C 38 32.06 -11.71 -3.07
N GLU C 39 33.24 -11.07 -3.03
CA GLU C 39 34.47 -11.77 -2.69
C GLU C 39 34.38 -12.38 -1.29
N ARG C 40 33.49 -11.84 -0.44
CA ARG C 40 33.34 -12.38 0.92
C ARG C 40 32.17 -13.35 1.08
N LEU C 41 31.47 -13.66 0.00
CA LEU C 41 30.37 -14.60 0.09
C LEU C 41 30.82 -16.01 0.46
N PRO C 42 31.88 -16.52 -0.19
CA PRO C 42 32.23 -17.91 0.11
C PRO C 42 32.43 -18.21 1.59
N ASP C 43 33.06 -17.28 2.31
CA ASP C 43 33.31 -17.50 3.72
C ASP C 43 32.02 -17.59 4.57
N LEU C 44 30.93 -17.00 4.07
CA LEU C 44 29.64 -17.01 4.74
C LEU C 44 28.82 -18.26 4.47
N LEU C 45 29.16 -18.99 3.42
CA LEU C 45 28.42 -20.17 3.02
C LEU C 45 28.99 -21.45 3.64
N ALA C 46 28.10 -22.35 4.04
CA ALA C 46 28.51 -23.70 4.39
C ALA C 46 28.95 -24.44 3.12
N GLU C 47 29.86 -25.40 3.26
CA GLU C 47 30.36 -26.16 2.12
C GLU C 47 29.23 -26.86 1.36
N ASP C 48 28.25 -27.34 2.11
CA ASP C 48 27.13 -28.06 1.50
C ASP C 48 25.84 -27.21 1.37
N VAL C 49 26.01 -25.92 1.17
CA VAL C 49 24.87 -25.03 1.00
C VAL C 49 24.03 -25.47 -0.20
N VAL C 50 22.70 -25.30 -0.08
N VAL C 50 22.71 -25.32 -0.08
CA VAL C 50 21.71 -25.59 -1.12
CA VAL C 50 21.82 -25.56 -1.20
C VAL C 50 20.99 -24.30 -1.53
C VAL C 50 21.18 -24.24 -1.55
N PHE C 51 20.85 -24.06 -2.83
CA PHE C 51 20.28 -22.82 -3.35
C PHE C 51 19.11 -23.16 -4.28
N SER C 52 17.94 -22.61 -3.97
CA SER C 52 16.71 -22.82 -4.75
C SER C 52 16.37 -21.45 -5.29
N ASN C 53 16.37 -21.30 -6.60
N ASN C 53 16.36 -21.35 -6.61
CA ASN C 53 16.17 -20.00 -7.17
CA ASN C 53 16.20 -20.08 -7.29
C ASN C 53 14.73 -19.80 -7.70
C ASN C 53 14.73 -19.84 -7.75
N PRO C 54 14.39 -18.59 -8.11
CA PRO C 54 12.98 -18.31 -8.49
C PRO C 54 12.48 -18.87 -9.80
N SER C 55 13.38 -19.35 -10.66
CA SER C 55 13.03 -19.70 -12.05
C SER C 55 13.11 -21.17 -12.43
N THR C 56 13.80 -21.97 -11.62
CA THR C 56 13.90 -23.41 -11.90
C THR C 56 13.74 -24.19 -10.60
N PHE C 57 13.14 -25.36 -10.70
CA PHE C 57 12.81 -26.14 -9.52
C PHE C 57 13.99 -26.83 -8.82
N ASP C 58 14.89 -27.43 -9.61
CA ASP C 58 15.93 -28.24 -9.00
C ASP C 58 16.90 -27.36 -8.24
N PRO C 59 17.32 -27.79 -7.05
CA PRO C 59 18.30 -26.98 -6.32
C PRO C 59 19.67 -27.04 -6.94
N TYR C 60 20.45 -26.01 -6.65
CA TYR C 60 21.89 -26.02 -6.89
C TYR C 60 22.59 -26.38 -5.61
N HIS C 61 23.73 -27.06 -5.73
CA HIS C 61 24.51 -27.50 -4.60
C HIS C 61 25.88 -26.88 -4.63
N GLY C 62 26.34 -26.43 -3.47
CA GLY C 62 27.70 -25.93 -3.33
C GLY C 62 27.87 -24.45 -3.49
N LYS C 63 29.04 -23.96 -3.10
CA LYS C 63 29.30 -22.53 -3.16
C LYS C 63 29.38 -21.94 -4.57
N GLY C 64 29.90 -22.74 -5.50
CA GLY C 64 30.16 -22.26 -6.87
C GLY C 64 28.94 -21.69 -7.57
N PRO C 65 27.85 -22.46 -7.64
CA PRO C 65 26.67 -21.90 -8.29
C PRO C 65 26.16 -20.61 -7.68
N LEU C 66 26.24 -20.46 -6.34
CA LEU C 66 25.87 -19.21 -5.67
C LEU C 66 26.76 -18.04 -6.10
N MSE C 67 28.07 -18.32 -6.15
N MSE C 67 28.06 -18.32 -6.17
CA MSE C 67 29.08 -17.34 -6.55
CA MSE C 67 29.04 -17.32 -6.55
C MSE C 67 28.84 -16.85 -7.97
C MSE C 67 28.82 -16.84 -7.97
O MSE C 67 29.13 -15.70 -8.30
O MSE C 67 29.10 -15.69 -8.29
CB MSE C 67 30.49 -17.93 -6.40
CB MSE C 67 30.44 -17.89 -6.37
CG MSE C 67 30.91 -18.25 -4.95
CG MSE C 67 31.52 -16.87 -6.36
SE MSE C 67 32.41 -19.61 -4.80
SE MSE C 67 31.33 -15.49 -4.92
CE MSE C 67 33.79 -18.57 -5.51
CE MSE C 67 33.18 -15.04 -4.80
N VAL C 68 28.35 -17.73 -8.84
CA VAL C 68 28.06 -17.35 -10.21
C VAL C 68 26.72 -16.62 -10.30
N ILE C 69 25.69 -17.21 -9.72
CA ILE C 69 24.31 -16.69 -9.94
C ILE C 69 23.93 -15.47 -9.12
N LEU C 70 24.22 -15.47 -7.82
CA LEU C 70 23.75 -14.36 -6.98
C LEU C 70 24.20 -12.99 -7.39
N PRO C 71 25.50 -12.81 -7.65
CA PRO C 71 25.90 -11.46 -8.05
C PRO C 71 25.17 -10.96 -9.30
N ALA C 72 24.88 -11.88 -10.22
CA ALA C 72 24.16 -11.54 -11.43
C ALA C 72 22.71 -11.16 -11.09
N VAL C 73 22.07 -11.94 -10.23
CA VAL C 73 20.69 -11.66 -9.85
C VAL C 73 20.63 -10.27 -9.23
N PHE C 74 21.43 -10.06 -8.19
CA PHE C 74 21.42 -8.75 -7.53
C PHE C 74 21.75 -7.61 -8.44
N SER C 75 22.61 -7.84 -9.43
N SER C 75 22.59 -7.83 -9.45
CA SER C 75 23.02 -6.83 -10.42
CA SER C 75 22.95 -6.75 -10.34
C SER C 75 21.85 -6.32 -11.25
C SER C 75 21.74 -6.21 -11.11
N VAL C 76 20.81 -7.14 -11.40
N VAL C 76 20.81 -7.08 -11.52
CA VAL C 76 19.66 -6.80 -12.22
CA VAL C 76 19.65 -6.63 -12.28
C VAL C 76 18.61 -6.05 -11.40
C VAL C 76 18.55 -6.04 -11.39
N LEU C 77 18.57 -6.32 -10.09
CA LEU C 77 17.57 -5.78 -9.20
C LEU C 77 17.84 -4.29 -8.85
N GLU C 78 17.06 -3.40 -9.45
CA GLU C 78 17.21 -1.98 -9.18
C GLU C 78 16.42 -1.55 -7.92
N ASN C 79 16.87 -0.48 -7.28
CA ASN C 79 16.23 0.06 -6.09
C ASN C 79 15.92 -1.01 -5.07
N PHE C 80 16.86 -1.94 -4.89
CA PHE C 80 16.64 -3.08 -4.01
C PHE C 80 16.49 -2.59 -2.58
N GLN C 81 15.42 -2.99 -1.89
N GLN C 81 15.43 -3.01 -1.89
CA GLN C 81 15.18 -2.58 -0.52
CA GLN C 81 15.20 -2.60 -0.52
C GLN C 81 14.57 -3.73 0.27
C GLN C 81 14.57 -3.72 0.28
N TYR C 82 15.21 -4.11 1.37
CA TYR C 82 14.63 -5.07 2.28
C TYR C 82 13.44 -4.43 3.01
N ALA C 83 12.37 -5.21 3.20
CA ALA C 83 11.15 -4.78 3.85
C ALA C 83 10.91 -5.66 5.06
N ARG C 84 9.77 -6.31 5.14
CA ARG C 84 9.42 -7.10 6.31
C ARG C 84 10.34 -8.29 6.48
N HIS C 85 10.66 -8.61 7.73
CA HIS C 85 11.49 -9.75 8.05
C HIS C 85 10.92 -10.58 9.18
N PHE C 86 11.27 -11.87 9.12
CA PHE C 86 10.74 -12.87 10.02
C PHE C 86 11.84 -13.85 10.38
N SER C 87 11.72 -14.51 11.53
CA SER C 87 12.72 -15.44 12.00
C SER C 87 12.18 -16.73 12.57
N SER C 88 13.07 -17.71 12.63
CA SER C 88 12.86 -18.99 13.23
C SER C 88 14.07 -19.23 14.11
N LYS C 89 14.20 -20.42 14.65
CA LYS C 89 15.35 -20.69 15.54
C LYS C 89 16.67 -20.63 14.79
N SER C 90 16.64 -20.96 13.51
CA SER C 90 17.83 -21.18 12.73
C SER C 90 17.95 -20.33 11.49
N GLY C 91 16.93 -19.53 11.22
CA GLY C 91 16.86 -18.86 9.93
C GLY C 91 15.92 -17.69 9.88
N TYR C 92 15.85 -17.11 8.69
CA TYR C 92 15.09 -15.90 8.44
C TYR C 92 14.42 -15.88 7.08
N VAL C 93 13.34 -15.10 6.99
CA VAL C 93 12.78 -14.74 5.71
C VAL C 93 12.84 -13.21 5.63
N LEU C 94 13.46 -12.72 4.56
CA LEU C 94 13.64 -11.30 4.31
C LEU C 94 12.85 -10.94 3.05
N GLU C 95 11.74 -10.23 3.20
CA GLU C 95 10.98 -9.73 2.07
C GLU C 95 11.78 -8.55 1.49
N PHE C 96 11.64 -8.35 0.19
CA PHE C 96 12.24 -7.22 -0.49
C PHE C 96 11.38 -6.70 -1.59
N ASN C 97 11.63 -5.43 -1.93
N ASN C 97 11.66 -5.48 -2.01
CA ASN C 97 11.03 -4.75 -3.09
CA ASN C 97 11.04 -5.00 -3.22
C ASN C 97 12.18 -4.42 -4.06
C ASN C 97 12.13 -4.40 -4.06
N ALA C 98 11.86 -4.40 -5.35
CA ALA C 98 12.84 -3.96 -6.37
C ALA C 98 12.13 -3.77 -7.69
N ASN C 99 12.89 -3.38 -8.70
CA ASN C 99 12.34 -3.29 -10.04
C ASN C 99 13.41 -3.68 -11.06
N MSE C 100 12.94 -4.06 -12.24
CA MSE C 100 13.84 -4.24 -13.37
C MSE C 100 13.23 -3.35 -14.44
O MSE C 100 12.20 -3.66 -15.00
CB MSE C 100 13.93 -5.69 -13.82
CG MSE C 100 14.83 -5.77 -14.97
SE MSE C 100 15.02 -7.54 -15.76
CE MSE C 100 13.52 -7.98 -15.69
N GLY C 101 13.85 -2.21 -14.67
CA GLY C 101 13.21 -1.20 -15.53
C GLY C 101 11.85 -0.86 -14.94
N ASP C 102 10.82 -0.80 -15.79
CA ASP C 102 9.48 -0.47 -15.33
C ASP C 102 8.71 -1.69 -14.82
N GLU C 103 9.40 -2.81 -14.64
CA GLU C 103 8.75 -4.00 -14.09
C GLU C 103 8.99 -4.06 -12.61
N LEU C 104 7.93 -3.85 -11.85
CA LEU C 104 8.03 -3.86 -10.40
C LEU C 104 7.89 -5.30 -9.89
N LEU C 105 8.55 -5.58 -8.78
CA LEU C 105 8.46 -6.89 -8.16
C LEU C 105 8.64 -6.84 -6.65
N THR C 106 8.24 -7.92 -5.98
CA THR C 106 8.60 -8.15 -4.60
C THR C 106 9.10 -9.58 -4.54
N GLY C 107 9.76 -9.91 -3.44
CA GLY C 107 10.33 -11.22 -3.30
C GLY C 107 10.71 -11.54 -1.88
N VAL C 108 11.19 -12.75 -1.66
CA VAL C 108 11.75 -13.12 -0.38
C VAL C 108 13.10 -13.86 -0.56
N ASP C 109 14.00 -13.62 0.39
CA ASP C 109 15.19 -14.46 0.61
C ASP C 109 14.91 -15.26 1.89
N LEU C 110 14.81 -16.59 1.78
CA LEU C 110 14.68 -17.51 2.92
C LEU C 110 16.10 -18.03 3.15
N ILE C 111 16.64 -17.77 4.33
CA ILE C 111 18.03 -18.10 4.63
C ILE C 111 18.13 -18.93 5.90
N GLU C 112 18.72 -20.11 5.79
CA GLU C 112 18.96 -20.95 6.94
C GLU C 112 20.46 -20.98 7.24
N PHE C 113 20.77 -20.91 8.52
CA PHE C 113 22.13 -20.96 9.01
C PHE C 113 22.37 -22.17 9.89
N ASN C 114 23.59 -22.67 9.87
CA ASN C 114 24.02 -23.63 10.88
C ASN C 114 24.46 -22.94 12.18
N ASP C 115 24.81 -23.74 13.18
CA ASP C 115 25.20 -23.21 14.49
C ASP C 115 26.42 -22.33 14.42
N ALA C 116 27.27 -22.54 13.43
CA ALA C 116 28.48 -21.73 13.26
C ALA C 116 28.18 -20.42 12.52
N GLY C 117 26.92 -20.15 12.16
CA GLY C 117 26.58 -18.91 11.50
C GLY C 117 26.84 -18.87 9.99
N LYS C 118 26.94 -20.03 9.37
CA LYS C 118 27.14 -20.17 7.95
C LYS C 118 25.85 -20.61 7.29
N ILE C 119 25.66 -20.15 6.07
CA ILE C 119 24.43 -20.39 5.35
C ILE C 119 24.41 -21.79 4.75
N THR C 120 23.37 -22.52 5.10
CA THR C 120 23.13 -23.88 4.61
C THR C 120 22.05 -23.99 3.53
N ASP C 121 21.14 -23.01 3.50
N ASP C 121 21.16 -23.01 3.45
CA ASP C 121 20.04 -22.99 2.54
CA ASP C 121 20.13 -23.03 2.42
C ASP C 121 19.75 -21.55 2.20
C ASP C 121 19.69 -21.60 2.18
N LEU C 122 19.54 -21.30 0.91
CA LEU C 122 19.06 -20.04 0.44
C LEU C 122 17.97 -20.33 -0.57
N VAL C 123 16.77 -19.80 -0.35
CA VAL C 123 15.65 -19.92 -1.29
C VAL C 123 15.28 -18.47 -1.64
N VAL C 124 15.24 -18.18 -2.93
CA VAL C 124 14.79 -16.88 -3.44
C VAL C 124 13.52 -17.09 -4.29
N MSE C 125 12.49 -16.31 -3.98
CA MSE C 125 11.29 -16.28 -4.77
C MSE C 125 10.94 -14.83 -5.08
O MSE C 125 11.27 -13.94 -4.34
CB MSE C 125 10.14 -16.90 -3.98
CG MSE C 125 10.36 -18.26 -3.40
SE MSE C 125 8.69 -18.88 -2.61
CE MSE C 125 9.40 -20.44 -1.70
N MSE C 126 10.26 -14.63 -6.20
CA MSE C 126 9.80 -13.31 -6.58
C MSE C 126 8.43 -13.39 -7.25
O MSE C 126 8.01 -14.43 -7.75
CB MSE C 126 10.79 -12.66 -7.52
CG MSE C 126 12.13 -12.39 -6.91
SE MSE C 126 13.37 -11.77 -8.29
CE MSE C 126 15.11 -12.14 -7.30
N ARG C 127 7.80 -12.24 -7.28
CA ARG C 127 6.48 -12.09 -7.90
C ARG C 127 6.36 -10.69 -8.50
N PRO C 128 5.54 -10.51 -9.53
CA PRO C 128 4.72 -11.55 -10.21
C PRO C 128 5.61 -12.47 -11.07
N ALA C 129 5.15 -13.68 -11.33
CA ALA C 129 5.92 -14.66 -12.09
C ALA C 129 6.40 -14.13 -13.45
N SER C 130 5.58 -13.32 -14.13
CA SER C 130 5.93 -12.85 -15.45
C SER C 130 7.22 -12.05 -15.44
N VAL C 131 7.44 -11.29 -14.37
CA VAL C 131 8.65 -10.48 -14.25
C VAL C 131 9.86 -11.39 -14.02
N VAL C 132 9.67 -12.46 -13.26
CA VAL C 132 10.73 -13.45 -13.04
C VAL C 132 11.16 -14.09 -14.36
N ILE C 133 10.23 -14.38 -15.26
CA ILE C 133 10.59 -14.90 -16.58
C ILE C 133 11.55 -13.93 -17.30
N ASP C 134 11.19 -12.64 -17.34
CA ASP C 134 12.03 -11.61 -17.97
C ASP C 134 13.38 -11.47 -17.26
N LEU C 135 13.37 -11.44 -15.94
CA LEU C 135 14.60 -11.27 -15.17
C LEU C 135 15.57 -12.42 -15.40
N SER C 136 15.05 -13.64 -15.48
N SER C 136 15.03 -13.64 -15.49
CA SER C 136 15.92 -14.80 -15.63
CA SER C 136 15.86 -14.82 -15.65
C SER C 136 16.65 -14.77 -16.96
C SER C 136 16.64 -14.76 -16.94
N VAL C 137 15.99 -14.28 -18.00
CA VAL C 137 16.68 -14.07 -19.26
C VAL C 137 17.87 -13.12 -19.10
N GLU C 138 17.67 -11.99 -18.43
CA GLU C 138 18.76 -11.05 -18.24
C GLU C 138 19.89 -11.59 -17.36
N VAL C 139 19.53 -12.31 -16.30
CA VAL C 139 20.53 -12.86 -15.39
C VAL C 139 21.43 -13.80 -16.17
N GLY C 140 20.85 -14.59 -17.05
CA GLY C 140 21.63 -15.50 -17.89
C GLY C 140 22.68 -14.75 -18.70
N LYS C 141 22.28 -13.59 -19.24
CA LYS C 141 23.21 -12.77 -20.00
C LYS C 141 24.31 -12.18 -19.14
N ARG C 142 23.97 -11.75 -17.94
CA ARG C 142 24.97 -11.19 -17.04
C ARG C 142 25.97 -12.23 -16.56
N ILE C 143 25.49 -13.46 -16.41
CA ILE C 143 26.39 -14.58 -16.03
C ILE C 143 27.42 -14.79 -17.15
N ALA C 144 26.92 -14.96 -18.38
CA ALA C 144 27.78 -15.12 -19.57
C ALA C 144 28.84 -14.04 -19.72
N ALA C 145 28.49 -12.82 -19.31
CA ALA C 145 29.38 -11.66 -19.45
C ALA C 145 30.09 -11.26 -18.15
N ALA C 146 30.13 -12.15 -17.14
CA ALA C 146 30.70 -11.77 -15.85
C ALA C 146 32.16 -11.33 -16.00
N GLN C 147 32.56 -10.32 -15.22
CA GLN C 147 33.93 -9.80 -15.24
C GLN C 147 34.72 -10.14 -13.97
N SER C 148 34.03 -10.70 -12.98
CA SER C 148 34.67 -11.21 -11.76
C SER C 148 33.58 -11.83 -10.90
N SER D 17 7.64 -11.79 19.04
CA SER D 17 6.71 -12.94 19.30
C SER D 17 5.25 -12.47 19.28
N PRO D 18 4.42 -13.04 18.39
CA PRO D 18 3.03 -12.54 18.30
C PRO D 18 2.15 -12.82 19.53
N ASN D 19 1.17 -11.94 19.76
CA ASN D 19 0.26 -12.06 20.91
C ASN D 19 -0.81 -13.16 20.75
N ALA D 20 -1.64 -13.31 21.78
CA ALA D 20 -2.55 -14.44 21.82
C ALA D 20 -3.57 -14.37 20.71
N ALA D 21 -4.05 -13.17 20.43
CA ALA D 21 -5.07 -12.98 19.42
C ALA D 21 -4.51 -13.33 18.02
N VAL D 22 -3.27 -12.95 17.76
CA VAL D 22 -2.62 -13.26 16.49
C VAL D 22 -2.40 -14.79 16.37
N GLN D 23 -2.00 -15.42 17.47
CA GLN D 23 -1.77 -16.86 17.45
C GLN D 23 -3.05 -17.63 17.13
N SER D 24 -4.17 -17.17 17.67
CA SER D 24 -5.47 -17.75 17.38
C SER D 24 -5.86 -17.54 15.92
N GLY D 25 -5.51 -16.38 15.38
CA GLY D 25 -5.78 -16.09 13.98
C GLY D 25 -5.03 -17.06 13.08
N LEU D 26 -3.77 -17.31 13.40
CA LEU D 26 -2.96 -18.22 12.60
C LEU D 26 -3.56 -19.62 12.70
N GLN D 27 -4.00 -19.99 13.89
CA GLN D 27 -4.65 -21.29 14.11
C GLN D 27 -5.88 -21.41 13.20
N GLU D 28 -6.69 -20.39 13.17
CA GLU D 28 -7.86 -20.40 12.28
C GLU D 28 -7.49 -20.44 10.78
N TRP D 29 -6.48 -19.67 10.38
CA TRP D 29 -6.01 -19.71 8.99
C TRP D 29 -5.68 -21.16 8.62
N HIS D 30 -4.91 -21.79 9.49
CA HIS D 30 -4.46 -23.16 9.23
C HIS D 30 -5.65 -24.12 9.08
N ARG D 31 -6.65 -23.96 9.95
CA ARG D 31 -7.82 -24.81 9.88
C ARG D 31 -8.56 -24.58 8.58
N ILE D 32 -8.75 -23.32 8.22
CA ILE D 32 -9.45 -22.99 6.97
C ILE D 32 -8.74 -23.61 5.76
N ILE D 33 -7.41 -23.45 5.71
CA ILE D 33 -6.64 -23.95 4.58
C ILE D 33 -6.73 -25.48 4.49
N ALA D 34 -6.51 -26.11 5.62
CA ALA D 34 -6.54 -27.59 5.69
C ALA D 34 -7.92 -28.16 5.26
N GLU D 35 -9.02 -27.51 5.66
N GLU D 35 -8.99 -27.49 5.67
CA GLU D 35 -10.37 -27.96 5.32
CA GLU D 35 -10.37 -27.91 5.39
C GLU D 35 -10.92 -27.38 4.03
C GLU D 35 -11.00 -27.28 4.15
N ALA D 36 -10.29 -26.34 3.51
CA ALA D 36 -10.85 -25.60 2.39
C ALA D 36 -12.18 -25.02 2.83
N ASP D 37 -12.22 -24.52 4.05
CA ASP D 37 -13.45 -23.99 4.64
C ASP D 37 -13.58 -22.50 4.36
N TRP D 38 -13.72 -22.17 3.09
CA TRP D 38 -13.67 -20.78 2.64
C TRP D 38 -14.80 -19.93 3.18
N GLU D 39 -15.95 -20.50 3.52
CA GLU D 39 -17.04 -19.68 4.04
C GLU D 39 -16.70 -18.98 5.35
N ARG D 40 -15.69 -19.51 6.04
CA ARG D 40 -15.25 -18.93 7.30
C ARG D 40 -14.09 -17.93 7.20
N LEU D 41 -13.53 -17.81 6.01
CA LEU D 41 -12.39 -16.92 5.84
C LEU D 41 -12.76 -15.43 5.99
N PRO D 42 -13.91 -14.98 5.46
CA PRO D 42 -14.18 -13.55 5.63
C PRO D 42 -14.14 -13.05 7.07
N ASP D 43 -14.64 -13.84 8.02
N ASP D 43 -14.63 -13.82 8.04
CA ASP D 43 -14.60 -13.48 9.44
CA ASP D 43 -14.58 -13.34 9.43
C ASP D 43 -13.19 -13.23 9.94
C ASP D 43 -13.15 -13.15 9.91
N LEU D 44 -12.21 -13.87 9.30
CA LEU D 44 -10.80 -13.78 9.70
C LEU D 44 -10.07 -12.60 9.06
N LEU D 45 -10.68 -12.00 8.03
CA LEU D 45 -10.05 -10.88 7.32
C LEU D 45 -10.45 -9.52 7.87
N ALA D 46 -9.47 -8.61 7.92
CA ALA D 46 -9.78 -7.20 8.15
C ALA D 46 -10.54 -6.70 6.91
N GLU D 47 -11.42 -5.71 7.11
CA GLU D 47 -12.21 -5.20 5.99
C GLU D 47 -11.29 -4.64 4.90
N ASP D 48 -10.18 -4.04 5.29
CA ASP D 48 -9.26 -3.44 4.30
C ASP D 48 -8.02 -4.28 4.03
N VAL D 49 -8.17 -5.60 4.15
CA VAL D 49 -7.11 -6.54 3.83
C VAL D 49 -6.51 -6.26 2.44
N VAL D 50 -5.19 -6.36 2.37
CA VAL D 50 -4.41 -6.18 1.15
C VAL D 50 -3.92 -7.57 0.74
N PHE D 51 -4.14 -7.95 -0.51
CA PHE D 51 -3.77 -9.25 -1.04
C PHE D 51 -2.89 -9.08 -2.26
N SER D 52 -1.68 -9.67 -2.18
CA SER D 52 -0.71 -9.60 -3.26
C SER D 52 -0.61 -11.02 -3.83
N ASN D 53 -1.09 -11.23 -5.03
N ASN D 53 -1.05 -11.18 -5.07
CA ASN D 53 -1.12 -12.59 -5.58
CA ASN D 53 -1.13 -12.50 -5.72
C ASN D 53 0.16 -12.89 -6.35
C ASN D 53 0.17 -12.86 -6.44
N PRO D 54 0.36 -14.16 -6.72
CA PRO D 54 1.61 -14.52 -7.35
C PRO D 54 1.78 -14.15 -8.82
N SER D 55 0.71 -13.71 -9.51
CA SER D 55 0.76 -13.53 -10.95
C SER D 55 0.65 -12.09 -11.49
N THR D 56 0.19 -11.15 -10.65
CA THR D 56 0.15 -9.75 -11.04
C THR D 56 0.69 -8.91 -9.89
N PHE D 57 1.36 -7.83 -10.22
CA PHE D 57 1.97 -7.01 -9.18
C PHE D 57 1.02 -6.26 -8.24
N ASP D 58 0.06 -5.53 -8.81
CA ASP D 58 -0.74 -4.60 -7.99
C ASP D 58 -1.53 -5.37 -6.94
N PRO D 59 -1.42 -4.95 -5.69
CA PRO D 59 -2.27 -5.61 -4.70
C PRO D 59 -3.75 -5.28 -4.86
N TYR D 60 -4.56 -6.24 -4.42
CA TYR D 60 -6.01 -6.09 -4.33
C TYR D 60 -6.37 -5.62 -2.94
N HIS D 61 -7.48 -4.91 -2.78
CA HIS D 61 -7.89 -4.42 -1.48
C HIS D 61 -9.31 -4.83 -1.17
N GLY D 62 -9.53 -5.29 0.05
CA GLY D 62 -10.86 -5.68 0.46
C GLY D 62 -11.04 -7.17 0.42
N LYS D 63 -12.11 -7.62 1.05
CA LYS D 63 -12.33 -9.06 1.18
C LYS D 63 -12.68 -9.72 -0.14
N GLY D 64 -13.43 -9.00 -0.96
CA GLY D 64 -14.00 -9.57 -2.19
C GLY D 64 -13.00 -10.23 -3.11
N PRO D 65 -11.99 -9.48 -3.59
CA PRO D 65 -11.03 -10.08 -4.50
C PRO D 65 -10.24 -11.23 -3.91
N LEU D 66 -9.88 -11.13 -2.64
CA LEU D 66 -9.17 -12.17 -1.97
C LEU D 66 -10.05 -13.43 -1.95
N MSE D 67 -11.35 -13.24 -1.69
CA MSE D 67 -12.29 -14.38 -1.60
C MSE D 67 -12.59 -15.01 -2.97
O MSE D 67 -12.90 -16.20 -3.04
CB MSE D 67 -13.59 -13.98 -0.91
CG MSE D 67 -13.41 -13.64 0.56
SE MSE D 67 -12.67 -15.16 1.52
CE MSE D 67 -14.00 -16.27 1.12
N VAL D 68 -12.44 -14.26 -4.06
CA VAL D 68 -12.59 -14.81 -5.44
C VAL D 68 -11.34 -15.59 -5.84
N ILE D 69 -10.17 -15.01 -5.59
CA ILE D 69 -8.91 -15.56 -6.06
C ILE D 69 -8.34 -16.68 -5.23
N LEU D 70 -8.31 -16.50 -3.90
CA LEU D 70 -7.53 -17.41 -3.08
C LEU D 70 -8.04 -18.83 -3.12
N PRO D 71 -9.37 -19.03 -3.03
CA PRO D 71 -9.86 -20.40 -3.08
C PRO D 71 -9.56 -21.09 -4.41
N ALA D 72 -9.62 -20.33 -5.49
CA ALA D 72 -9.30 -20.87 -6.83
C ALA D 72 -7.83 -21.27 -6.90
N VAL D 73 -6.94 -20.48 -6.32
CA VAL D 73 -5.51 -20.83 -6.29
C VAL D 73 -5.32 -22.16 -5.56
N PHE D 74 -5.91 -22.26 -4.38
CA PHE D 74 -5.78 -23.49 -3.59
C PHE D 74 -6.38 -24.67 -4.29
N SER D 75 -7.49 -24.48 -5.01
CA SER D 75 -8.16 -25.58 -5.70
C SER D 75 -7.27 -26.27 -6.76
N VAL D 76 -6.30 -25.53 -7.29
N VAL D 76 -6.28 -25.55 -7.30
CA VAL D 76 -5.42 -26.08 -8.30
CA VAL D 76 -5.40 -26.13 -8.32
C VAL D 76 -4.24 -26.82 -7.64
C VAL D 76 -4.12 -26.71 -7.71
N LEU D 77 -3.88 -26.41 -6.44
CA LEU D 77 -2.75 -26.98 -5.73
C LEU D 77 -3.11 -28.35 -5.17
N GLU D 78 -2.26 -29.33 -5.44
CA GLU D 78 -2.45 -30.68 -4.96
C GLU D 78 -1.41 -30.97 -3.90
N ASN D 79 -1.76 -31.81 -2.94
CA ASN D 79 -0.84 -32.24 -1.90
C ASN D 79 -0.21 -31.05 -1.17
N PHE D 80 -0.99 -30.01 -0.96
CA PHE D 80 -0.49 -28.83 -0.28
C PHE D 80 -0.02 -29.18 1.12
N GLN D 81 1.25 -28.90 1.39
N GLN D 81 1.25 -28.91 1.41
CA GLN D 81 1.86 -29.17 2.70
CA GLN D 81 1.77 -29.11 2.75
C GLN D 81 2.70 -27.99 3.19
C GLN D 81 2.62 -27.93 3.15
N TYR D 82 2.39 -27.46 4.37
CA TYR D 82 3.20 -26.41 4.94
C TYR D 82 4.52 -27.05 5.42
N ALA D 83 5.59 -26.28 5.25
CA ALA D 83 6.92 -26.68 5.60
C ALA D 83 7.51 -25.67 6.61
N ARG D 84 8.61 -24.99 6.26
CA ARG D 84 9.26 -24.13 7.26
C ARG D 84 8.44 -22.88 7.51
N HIS D 85 8.45 -22.40 8.75
CA HIS D 85 7.69 -21.22 9.13
C HIS D 85 8.53 -20.29 9.99
N PHE D 86 8.18 -19.02 9.93
CA PHE D 86 8.96 -17.94 10.51
C PHE D 86 7.98 -16.90 11.04
N SER D 87 8.37 -16.13 12.04
CA SER D 87 7.45 -15.16 12.60
C SER D 87 8.11 -13.82 12.90
N SER D 88 7.25 -12.80 13.01
CA SER D 88 7.63 -11.45 13.43
C SER D 88 6.68 -11.13 14.58
N LYS D 89 6.66 -9.89 15.06
CA LYS D 89 5.80 -9.56 16.21
C LYS D 89 4.30 -9.64 15.83
N SER D 90 4.03 -9.46 14.55
CA SER D 90 2.68 -9.30 14.01
C SER D 90 2.27 -10.27 12.90
N GLY D 91 3.17 -11.15 12.50
CA GLY D 91 2.93 -11.93 11.29
C GLY D 91 3.87 -13.11 11.11
N TYR D 92 3.69 -13.78 9.99
CA TYR D 92 4.36 -15.00 9.70
C TYR D 92 4.65 -15.17 8.23
N VAL D 93 5.62 -16.03 7.93
CA VAL D 93 5.82 -16.52 6.60
C VAL D 93 5.77 -18.03 6.75
N LEU D 94 4.90 -18.63 5.94
CA LEU D 94 4.66 -20.05 5.94
C LEU D 94 5.09 -20.58 4.58
N GLU D 95 6.21 -21.29 4.54
CA GLU D 95 6.63 -21.98 3.33
C GLU D 95 5.71 -23.18 3.09
N PHE D 96 5.52 -23.51 1.81
CA PHE D 96 4.75 -24.68 1.45
C PHE D 96 5.30 -25.36 0.22
N ASN D 97 4.92 -26.63 0.09
CA ASN D 97 5.19 -27.46 -1.08
C ASN D 97 3.85 -27.86 -1.68
N ALA D 98 3.78 -28.00 -3.00
CA ALA D 98 2.57 -28.48 -3.66
C ALA D 98 2.92 -28.87 -5.08
N ASN D 99 1.93 -29.43 -5.77
CA ASN D 99 2.10 -29.73 -7.17
C ASN D 99 0.83 -29.46 -7.94
N MSE D 100 0.99 -29.23 -9.23
CA MSE D 100 -0.12 -29.16 -10.13
C MSE D 100 0.17 -30.22 -11.17
O MSE D 100 1.06 -30.08 -11.98
CB MSE D 100 -0.22 -27.77 -10.76
CG MSE D 100 -1.35 -27.70 -11.79
SE MSE D 100 -1.38 -25.95 -12.66
CE MSE D 100 0.17 -25.90 -13.40
N GLY D 101 -0.58 -31.32 -11.12
CA GLY D 101 -0.28 -32.44 -12.00
C GLY D 101 1.16 -32.86 -11.73
N ASP D 102 1.94 -33.09 -12.78
N ASP D 102 1.91 -33.01 -12.82
CA ASP D 102 3.32 -33.50 -12.57
CA ASP D 102 3.28 -33.46 -12.80
C ASP D 102 4.30 -32.34 -12.44
C ASP D 102 4.28 -32.32 -12.57
N GLU D 103 3.78 -31.13 -12.20
CA GLU D 103 4.64 -29.95 -12.03
C GLU D 103 4.74 -29.61 -10.54
N LEU D 104 5.95 -29.72 -9.96
CA LEU D 104 6.18 -29.40 -8.55
C LEU D 104 6.45 -27.91 -8.33
N LEU D 105 6.07 -27.42 -7.17
CA LEU D 105 6.41 -26.05 -6.81
C LEU D 105 6.62 -25.94 -5.31
N THR D 106 7.26 -24.84 -4.93
CA THR D 106 7.27 -24.42 -3.54
C THR D 106 6.82 -22.97 -3.50
N GLY D 107 6.47 -22.51 -2.31
CA GLY D 107 5.97 -21.15 -2.19
C GLY D 107 5.97 -20.67 -0.77
N VAL D 108 5.55 -19.42 -0.59
CA VAL D 108 5.31 -18.88 0.74
C VAL D 108 3.97 -18.10 0.78
N ASP D 109 3.32 -18.17 1.94
CA ASP D 109 2.24 -17.27 2.32
C ASP D 109 2.83 -16.35 3.39
N LEU D 110 2.89 -15.03 3.12
CA LEU D 110 3.26 -14.06 4.15
C LEU D 110 1.95 -13.48 4.67
N ILE D 111 1.73 -13.56 5.98
CA ILE D 111 0.45 -13.17 6.54
C ILE D 111 0.70 -12.21 7.68
N GLU D 112 0.08 -11.01 7.64
CA GLU D 112 0.19 -10.09 8.75
C GLU D 112 -1.18 -9.97 9.42
N PHE D 113 -1.15 -9.87 10.73
CA PHE D 113 -2.37 -9.77 11.53
C PHE D 113 -2.42 -8.47 12.33
N ASN D 114 -3.63 -7.96 12.59
CA ASN D 114 -3.76 -6.82 13.49
C ASN D 114 -3.91 -7.34 14.91
N ASP D 115 -4.02 -6.44 15.87
CA ASP D 115 -4.18 -6.88 17.27
C ASP D 115 -5.50 -7.59 17.56
N ALA D 116 -6.53 -7.36 16.74
CA ALA D 116 -7.77 -8.13 16.91
C ALA D 116 -7.62 -9.57 16.34
N GLY D 117 -6.44 -9.92 15.83
CA GLY D 117 -6.21 -11.25 15.24
C GLY D 117 -6.83 -11.43 13.86
N LYS D 118 -7.00 -10.32 13.15
CA LYS D 118 -7.53 -10.38 11.79
C LYS D 118 -6.42 -10.11 10.79
N ILE D 119 -6.57 -10.72 9.62
CA ILE D 119 -5.54 -10.63 8.59
C ILE D 119 -5.64 -9.26 7.90
N THR D 120 -4.52 -8.54 7.92
CA THR D 120 -4.41 -7.24 7.26
C THR D 120 -3.66 -7.28 5.91
N ASP D 121 -2.79 -8.28 5.76
CA ASP D 121 -2.00 -8.46 4.56
C ASP D 121 -1.77 -9.95 4.33
N LEU D 122 -1.94 -10.38 3.07
CA LEU D 122 -1.60 -11.70 2.62
C LEU D 122 -0.83 -11.57 1.30
N VAL D 123 0.39 -12.11 1.25
CA VAL D 123 1.19 -12.19 0.03
C VAL D 123 1.45 -13.65 -0.27
N VAL D 124 1.23 -14.05 -1.51
CA VAL D 124 1.53 -15.39 -1.99
C VAL D 124 2.53 -15.34 -3.14
N MSE D 125 3.62 -16.12 -3.04
CA MSE D 125 4.65 -16.20 -4.10
C MSE D 125 4.95 -17.65 -4.25
O MSE D 125 4.89 -18.39 -3.27
CB MSE D 125 6.02 -15.62 -3.75
CG MSE D 125 6.03 -14.45 -2.97
SE MSE D 125 7.77 -13.82 -2.92
CE MSE D 125 7.13 -12.32 -1.99
N MSE D 126 5.33 -18.03 -5.46
CA MSE D 126 5.72 -19.41 -5.70
C MSE D 126 6.89 -19.49 -6.70
O MSE D 126 7.21 -18.53 -7.38
CB MSE D 126 4.54 -20.19 -6.23
CG MSE D 126 3.48 -20.48 -5.20
SE MSE D 126 1.84 -21.20 -6.12
CE MSE D 126 1.30 -19.70 -6.56
N ARG D 127 7.53 -20.65 -6.73
CA ARG D 127 8.63 -20.97 -7.64
C ARG D 127 8.49 -22.42 -8.06
N PRO D 128 8.92 -22.74 -9.29
CA PRO D 128 9.49 -21.83 -10.29
C PRO D 128 8.44 -20.99 -10.99
N ALA D 129 8.84 -19.83 -11.46
CA ALA D 129 7.93 -18.93 -12.15
C ALA D 129 7.14 -19.57 -13.31
N SER D 130 7.77 -20.43 -14.11
CA SER D 130 7.11 -21.05 -15.29
C SER D 130 5.86 -21.83 -14.87
N VAL D 131 5.97 -22.50 -13.72
CA VAL D 131 4.84 -23.28 -13.16
C VAL D 131 3.72 -22.34 -12.70
N VAL D 132 4.08 -21.20 -12.15
CA VAL D 132 3.08 -20.20 -11.76
C VAL D 132 2.32 -19.64 -12.97
N ILE D 133 3.01 -19.45 -14.09
CA ILE D 133 2.36 -19.03 -15.31
C ILE D 133 1.28 -20.07 -15.69
N ASP D 134 1.65 -21.34 -15.64
CA ASP D 134 0.71 -22.44 -15.96
C ASP D 134 -0.46 -22.47 -14.96
N LEU D 135 -0.13 -22.35 -13.69
CA LEU D 135 -1.15 -22.31 -12.64
C LEU D 135 -2.14 -21.17 -12.84
N SER D 136 -1.64 -20.02 -13.26
CA SER D 136 -2.52 -18.85 -13.40
C SER D 136 -3.58 -19.03 -14.50
N VAL D 137 -3.21 -19.75 -15.56
CA VAL D 137 -4.19 -20.09 -16.61
C VAL D 137 -5.32 -20.90 -15.96
N GLU D 138 -4.96 -21.93 -15.19
CA GLU D 138 -5.99 -22.79 -14.55
C GLU D 138 -6.85 -22.01 -13.56
N VAL D 139 -6.20 -21.18 -12.75
CA VAL D 139 -6.90 -20.38 -11.77
C VAL D 139 -7.91 -19.42 -12.43
N GLY D 140 -7.54 -18.83 -13.57
CA GLY D 140 -8.47 -17.94 -14.29
C GLY D 140 -9.73 -18.66 -14.74
N LYS D 141 -9.56 -19.88 -15.26
CA LYS D 141 -10.70 -20.68 -15.68
C LYS D 141 -11.58 -21.09 -14.50
N ARG D 142 -10.96 -21.38 -13.37
CA ARG D 142 -11.72 -21.77 -12.16
C ARG D 142 -12.51 -20.60 -11.61
N ILE D 143 -11.91 -19.41 -11.62
CA ILE D 143 -12.62 -18.19 -11.22
C ILE D 143 -13.83 -17.96 -12.12
N ALA D 144 -13.62 -18.09 -13.43
CA ALA D 144 -14.71 -17.89 -14.40
C ALA D 144 -15.84 -18.91 -14.19
N ALA D 145 -15.46 -20.16 -13.95
CA ALA D 145 -16.45 -21.21 -13.70
C ALA D 145 -17.25 -20.91 -12.45
N ALA D 146 -16.59 -20.48 -11.38
CA ALA D 146 -17.26 -20.16 -10.13
C ALA D 146 -18.29 -19.03 -10.28
N GLN D 147 -18.13 -18.20 -11.31
CA GLN D 147 -19.09 -17.14 -11.63
C GLN D 147 -20.11 -17.52 -12.70
N SER D 148 -19.95 -18.69 -13.31
CA SER D 148 -20.79 -19.17 -14.42
C SER D 148 -22.03 -19.91 -13.94
#